data_6T49
#
_entry.id   6T49
#
_cell.length_a   62.704
_cell.length_b   89.303
_cell.length_c   60.701
_cell.angle_alpha   90.000
_cell.angle_beta   96.520
_cell.angle_gamma   90.000
#
_symmetry.space_group_name_H-M   'C 1 2 1'
#
loop_
_entity.id
_entity.type
_entity.pdbx_description
1 polymer 'Genome polyprotein'
2 polymer 'Genome polyprotein'
3 non-polymer '3-[(5-methylthiophen-2-yl)methylamino]benzoic acid'
4 non-polymer 'DIMETHYL SULFOXIDE'
5 non-polymer 'PHOSPHATE ION'
6 water water
#
loop_
_entity_poly.entity_id
_entity_poly.type
_entity_poly.pdbx_seq_one_letter_code
_entity_poly.pdbx_strand_id
1 'polypeptide(L)'
;APPTLWSRVTKFGSGWGFWVSPTVFITTTHVIPTSAKEFFGEPLTSIAIHRAGEFTLFRFSKKIRPDLTGMILEEGCPEG
TVCSVLIKRDSGELLPLAVRMGAIASMRIQGRLVHGQSGMLLTGANAKGMDLGTIPGDCGAPYVYKRANDWVVCGVHAAA
TKSGNTVVCAVQ
;
A
2 'polypeptide(L)'
;TLWSRVTKFGSGWGFWVSPTVFITTTHVIPTSAKEFFGEPLTSIAIHRAGEFTLFRFSKKIRPDLTGMILEEGCPEGTVC
SVLIKRDSGELLPLAVRMGAIASMRIQGRLVHGQSGMLLTGANAKGMDLGTIPGDCGAPYVYKRANDWVVCGVHAAATKS
GNTVVCAVQA
;
B
#
loop_
_chem_comp.id
_chem_comp.type
_chem_comp.name
_chem_comp.formula
DMS non-polymer 'DIMETHYL SULFOXIDE' 'C2 H6 O S'
MH5 non-polymer '3-[(5-methylthiophen-2-yl)methylamino]benzoic acid' 'C13 H13 N O2 S'
PO4 non-polymer 'PHOSPHATE ION' 'O4 P -3'
#
# COMPACT_ATOMS: atom_id res chain seq x y z
N ALA A 1 -8.11 -4.36 3.64
CA ALA A 1 -9.12 -5.16 2.85
C ALA A 1 -9.47 -6.41 3.66
N PRO A 2 -10.70 -6.93 3.59
CA PRO A 2 -11.08 -8.04 4.45
C PRO A 2 -10.27 -9.32 4.19
N PRO A 3 -10.00 -10.09 5.25
CA PRO A 3 -9.30 -11.37 5.12
C PRO A 3 -9.89 -12.34 4.11
N THR A 4 -11.20 -12.35 3.92
CA THR A 4 -11.86 -13.26 2.95
C THR A 4 -11.43 -12.90 1.53
N LEU A 5 -11.05 -11.66 1.23
CA LEU A 5 -10.52 -11.31 -0.11
C LEU A 5 -9.04 -11.73 -0.22
N TRP A 6 -8.20 -11.51 0.80
CA TRP A 6 -6.77 -11.91 0.72
C TRP A 6 -6.68 -13.45 0.57
N SER A 7 -7.60 -14.20 1.16
CA SER A 7 -7.61 -15.70 1.14
CA SER A 7 -7.57 -15.69 1.14
C SER A 7 -7.83 -16.20 -0.29
N ARG A 8 -8.49 -15.40 -1.13
CA ARG A 8 -8.79 -15.74 -2.56
C ARG A 8 -7.58 -15.54 -3.49
N VAL A 9 -6.58 -14.80 -3.07
CA VAL A 9 -5.38 -14.48 -3.89
C VAL A 9 -4.36 -15.64 -3.78
N THR A 10 -4.11 -16.34 -4.90
CA THR A 10 -3.37 -17.62 -5.01
C THR A 10 -2.14 -17.46 -5.88
N LYS A 11 -0.99 -17.90 -5.41
CA LYS A 11 0.23 -17.85 -6.24
C LYS A 11 0.04 -18.79 -7.44
N PHE A 12 0.41 -18.33 -8.62
CA PHE A 12 0.02 -19.04 -9.88
C PHE A 12 1.01 -18.62 -10.95
N GLY A 13 1.74 -19.60 -11.52
CA GLY A 13 2.58 -19.37 -12.68
C GLY A 13 3.62 -18.34 -12.32
N SER A 14 3.83 -17.35 -13.17
CA SER A 14 4.79 -16.26 -12.87
C SER A 14 4.13 -15.14 -12.07
N GLY A 15 2.89 -15.30 -11.60
CA GLY A 15 2.24 -14.27 -10.77
C GLY A 15 1.20 -14.82 -9.81
N TRP A 16 -0.06 -14.43 -10.04
CA TRP A 16 -1.23 -14.65 -9.13
C TRP A 16 -2.50 -14.91 -9.95
N GLY A 17 -3.48 -15.48 -9.28
CA GLY A 17 -4.89 -15.45 -9.66
C GLY A 17 -5.79 -15.33 -8.47
N PHE A 18 -7.08 -15.38 -8.73
CA PHE A 18 -8.12 -14.98 -7.75
C PHE A 18 -9.37 -15.85 -7.89
N TRP A 19 -9.78 -16.46 -6.77
CA TRP A 19 -11.02 -17.27 -6.68
C TRP A 19 -12.22 -16.33 -6.48
N VAL A 20 -13.05 -16.27 -7.51
CA VAL A 20 -14.34 -15.51 -7.49
C VAL A 20 -15.40 -16.35 -6.75
N SER A 21 -15.31 -17.66 -6.83
CA SER A 21 -16.27 -18.63 -6.24
C SER A 21 -15.57 -19.97 -6.07
N PRO A 22 -16.21 -20.97 -5.46
CA PRO A 22 -15.61 -22.32 -5.33
C PRO A 22 -15.16 -22.95 -6.66
N THR A 23 -15.76 -22.57 -7.80
CA THR A 23 -15.53 -23.18 -9.14
C THR A 23 -14.90 -22.20 -10.16
N VAL A 24 -14.79 -20.88 -9.85
CA VAL A 24 -14.34 -19.85 -10.85
C VAL A 24 -13.03 -19.18 -10.36
N PHE A 25 -12.01 -19.23 -11.22
CA PHE A 25 -10.67 -18.65 -10.98
C PHE A 25 -10.25 -17.75 -12.13
N ILE A 26 -9.84 -16.52 -11.83
CA ILE A 26 -9.46 -15.55 -12.90
C ILE A 26 -7.99 -15.24 -12.78
N THR A 27 -7.34 -14.85 -13.87
CA THR A 27 -5.92 -14.49 -13.86
C THR A 27 -5.58 -13.67 -15.12
N THR A 28 -4.32 -13.26 -15.20
CA THR A 28 -3.74 -12.57 -16.39
C THR A 28 -3.17 -13.63 -17.34
N THR A 29 -3.54 -13.52 -18.61
CA THR A 29 -3.27 -14.57 -19.60
C THR A 29 -1.76 -14.89 -19.62
N HIS A 30 -0.87 -13.89 -19.59
CA HIS A 30 0.58 -14.16 -19.85
C HIS A 30 1.23 -14.84 -18.62
N VAL A 31 0.60 -14.93 -17.44
CA VAL A 31 1.27 -15.57 -16.27
C VAL A 31 0.99 -17.10 -16.28
N ILE A 32 0.07 -17.61 -17.12
CA ILE A 32 -0.29 -19.05 -17.17
C ILE A 32 0.88 -19.83 -17.73
N PRO A 33 1.39 -20.90 -17.07
CA PRO A 33 2.44 -21.72 -17.67
C PRO A 33 1.98 -22.35 -19.01
N THR A 34 2.64 -22.08 -20.15
CA THR A 34 2.10 -22.47 -21.49
C THR A 34 2.12 -24.00 -21.66
N SER A 35 2.99 -24.75 -20.97
CA SER A 35 2.97 -26.25 -21.05
C SER A 35 1.91 -26.92 -20.16
N ALA A 36 1.22 -26.20 -19.25
CA ALA A 36 0.38 -26.84 -18.19
C ALA A 36 -0.83 -27.59 -18.76
N LYS A 37 -1.09 -28.81 -18.27
CA LYS A 37 -2.18 -29.73 -18.71
C LYS A 37 -3.07 -30.13 -17.53
N GLU A 38 -2.78 -29.64 -16.33
CA GLU A 38 -3.47 -30.01 -15.07
C GLU A 38 -3.47 -28.81 -14.12
N PHE A 39 -4.62 -28.47 -13.54
CA PHE A 39 -4.78 -27.35 -12.56
C PHE A 39 -5.60 -27.83 -11.39
N PHE A 40 -5.06 -27.66 -10.18
CA PHE A 40 -5.69 -28.01 -8.87
C PHE A 40 -6.21 -29.46 -8.91
N GLY A 41 -5.39 -30.35 -9.46
CA GLY A 41 -5.68 -31.79 -9.61
C GLY A 41 -6.73 -32.10 -10.67
N GLU A 42 -7.12 -31.17 -11.55
CA GLU A 42 -8.14 -31.44 -12.62
C GLU A 42 -7.45 -31.43 -13.98
N PRO A 43 -7.77 -32.40 -14.87
CA PRO A 43 -7.31 -32.33 -16.24
C PRO A 43 -7.96 -31.19 -17.05
N LEU A 44 -7.23 -30.65 -18.03
CA LEU A 44 -7.70 -29.55 -18.93
C LEU A 44 -9.07 -29.88 -19.55
N THR A 45 -9.30 -31.15 -19.85
CA THR A 45 -10.52 -31.64 -20.54
C THR A 45 -11.75 -31.36 -19.67
N SER A 46 -11.62 -31.15 -18.36
CA SER A 46 -12.78 -30.97 -17.44
C SER A 46 -12.87 -29.50 -16.96
N ILE A 47 -12.22 -28.58 -17.68
CA ILE A 47 -12.19 -27.12 -17.35
C ILE A 47 -12.73 -26.32 -18.53
N ALA A 48 -13.67 -25.39 -18.33
CA ALA A 48 -14.09 -24.39 -19.36
C ALA A 48 -13.23 -23.13 -19.24
N ILE A 49 -12.59 -22.72 -20.33
CA ILE A 49 -11.75 -21.49 -20.37
C ILE A 49 -12.45 -20.42 -21.20
N HIS A 50 -12.55 -19.21 -20.64
CA HIS A 50 -13.01 -17.99 -21.35
C HIS A 50 -11.85 -16.99 -21.37
N ARG A 51 -11.38 -16.64 -22.55
CA ARG A 51 -10.18 -15.78 -22.70
C ARG A 51 -10.54 -14.57 -23.58
N ALA A 52 -10.22 -13.37 -23.11
CA ALA A 52 -10.29 -12.09 -23.85
C ALA A 52 -8.99 -11.31 -23.65
N GLY A 53 -8.08 -11.37 -24.61
CA GLY A 53 -6.77 -10.71 -24.47
C GLY A 53 -6.03 -11.13 -23.21
N GLU A 54 -5.71 -10.19 -22.32
CA GLU A 54 -4.95 -10.45 -21.05
C GLU A 54 -5.83 -10.96 -19.90
N PHE A 55 -7.13 -11.16 -20.10
CA PHE A 55 -8.07 -11.71 -19.09
C PHE A 55 -8.35 -13.19 -19.40
N THR A 56 -8.17 -14.07 -18.41
CA THR A 56 -8.56 -15.51 -18.56
C THR A 56 -9.40 -15.90 -17.33
N LEU A 57 -10.49 -16.60 -17.60
CA LEU A 57 -11.36 -17.19 -16.55
C LEU A 57 -11.38 -18.70 -16.76
N PHE A 58 -11.18 -19.42 -15.67
CA PHE A 58 -11.25 -20.91 -15.60
C PHE A 58 -12.51 -21.26 -14.83
N ARG A 59 -13.33 -22.12 -15.39
CA ARG A 59 -14.49 -22.69 -14.66
C ARG A 59 -14.33 -24.22 -14.52
N PHE A 60 -14.33 -24.71 -13.29
CA PHE A 60 -14.08 -26.12 -12.92
C PHE A 60 -15.42 -26.88 -12.82
N SER A 61 -15.39 -28.20 -12.98
N SER A 61 -15.38 -28.19 -13.02
CA SER A 61 -16.57 -29.09 -12.93
CA SER A 61 -16.56 -29.09 -12.92
C SER A 61 -16.78 -29.68 -11.52
C SER A 61 -16.91 -29.35 -11.45
N LYS A 62 -15.92 -29.32 -10.55
CA LYS A 62 -16.17 -29.54 -9.11
C LYS A 62 -15.65 -28.36 -8.26
N LYS A 63 -16.08 -28.31 -7.01
CA LYS A 63 -15.67 -27.27 -6.04
C LYS A 63 -14.23 -27.49 -5.60
N ILE A 64 -13.35 -26.65 -6.10
CA ILE A 64 -11.91 -26.58 -5.68
C ILE A 64 -11.75 -25.82 -4.36
N ARG A 65 -12.50 -24.74 -4.13
CA ARG A 65 -12.44 -23.89 -2.89
C ARG A 65 -13.83 -23.84 -2.25
N PRO A 66 -14.30 -24.94 -1.60
CA PRO A 66 -15.62 -24.94 -0.94
C PRO A 66 -15.72 -24.07 0.33
N ASP A 67 -14.59 -23.58 0.85
CA ASP A 67 -14.57 -22.63 1.99
C ASP A 67 -15.14 -21.28 1.53
N LEU A 68 -15.14 -21.00 0.22
CA LEU A 68 -15.52 -19.64 -0.30
C LEU A 68 -17.02 -19.52 -0.65
N THR A 69 -17.53 -18.29 -0.58
CA THR A 69 -18.81 -17.86 -1.21
C THR A 69 -18.53 -17.24 -2.60
N GLY A 70 -19.44 -17.40 -3.54
CA GLY A 70 -19.37 -16.61 -4.78
C GLY A 70 -19.56 -15.13 -4.50
N MET A 71 -18.74 -14.28 -5.12
CA MET A 71 -18.87 -12.80 -5.07
C MET A 71 -19.09 -12.22 -6.48
N ILE A 72 -19.31 -10.90 -6.54
CA ILE A 72 -19.66 -10.20 -7.82
C ILE A 72 -18.38 -9.91 -8.61
N LEU A 73 -18.33 -10.37 -9.86
CA LEU A 73 -17.30 -10.00 -10.88
C LEU A 73 -17.97 -9.09 -11.92
N GLU A 74 -17.42 -7.91 -12.11
CA GLU A 74 -17.90 -7.00 -13.15
C GLU A 74 -16.85 -6.66 -14.19
N GLU A 75 -17.31 -6.13 -15.32
CA GLU A 75 -16.46 -5.77 -16.48
C GLU A 75 -15.87 -4.38 -16.22
N GLY A 76 -14.84 -4.30 -15.39
CA GLY A 76 -14.28 -2.99 -14.99
C GLY A 76 -15.23 -2.22 -14.08
N CYS A 77 -15.00 -0.92 -13.94
CA CYS A 77 -15.77 -0.09 -12.98
C CYS A 77 -15.99 1.30 -13.53
N PRO A 78 -16.92 2.09 -12.94
CA PRO A 78 -17.12 3.46 -13.40
C PRO A 78 -15.85 4.32 -13.33
N GLU A 79 -15.63 5.23 -14.31
CA GLU A 79 -14.54 6.24 -14.29
C GLU A 79 -14.61 6.89 -12.91
N GLY A 80 -13.49 7.11 -12.23
CA GLY A 80 -13.43 7.83 -10.95
C GLY A 80 -13.45 6.93 -9.74
N THR A 81 -13.82 5.65 -9.88
CA THR A 81 -13.82 4.64 -8.78
C THR A 81 -12.40 4.50 -8.23
N VAL A 82 -12.23 4.52 -6.90
CA VAL A 82 -10.94 4.22 -6.25
C VAL A 82 -10.94 2.75 -5.82
N CYS A 83 -10.05 1.97 -6.42
CA CYS A 83 -9.88 0.52 -6.18
C CYS A 83 -8.61 0.31 -5.30
N SER A 84 -8.46 -0.90 -4.81
CA SER A 84 -7.25 -1.45 -4.14
C SER A 84 -6.79 -2.64 -5.00
N VAL A 85 -5.52 -2.68 -5.32
CA VAL A 85 -4.91 -3.85 -6.02
C VAL A 85 -4.30 -4.78 -4.94
N LEU A 86 -4.79 -6.02 -4.78
CA LEU A 86 -4.39 -6.86 -3.59
C LEU A 86 -3.09 -7.62 -3.92
N ILE A 87 -1.94 -7.02 -3.62
CA ILE A 87 -0.57 -7.54 -3.96
C ILE A 87 0.09 -8.22 -2.74
N LYS A 88 0.50 -9.48 -2.85
CA LYS A 88 1.25 -10.17 -1.75
C LYS A 88 2.75 -10.02 -2.06
N ARG A 89 3.55 -9.67 -1.04
CA ARG A 89 5.01 -9.45 -1.16
C ARG A 89 5.80 -10.26 -0.11
N ASP A 90 7.12 -10.32 -0.28
CA ASP A 90 8.02 -11.19 0.49
C ASP A 90 7.68 -10.97 1.95
N SER A 91 6.95 -11.97 2.49
CA SER A 91 6.98 -12.44 3.88
C SER A 91 5.65 -12.27 4.60
N GLY A 92 4.54 -12.74 4.02
CA GLY A 92 3.19 -12.44 4.56
C GLY A 92 2.96 -10.94 4.63
N GLU A 93 3.70 -10.15 3.82
CA GLU A 93 3.36 -8.72 3.67
C GLU A 93 2.29 -8.58 2.61
N LEU A 94 1.27 -7.82 2.99
CA LEU A 94 0.08 -7.52 2.19
C LEU A 94 0.11 -6.03 1.76
N LEU A 95 0.03 -5.76 0.44
CA LEU A 95 0.17 -4.38 -0.10
C LEU A 95 -1.06 -4.01 -0.94
N PRO A 96 -2.14 -3.48 -0.31
CA PRO A 96 -3.32 -3.00 -1.02
C PRO A 96 -3.13 -1.60 -1.63
N LEU A 97 -2.60 -1.57 -2.85
CA LEU A 97 -2.20 -0.28 -3.50
C LEU A 97 -3.46 0.44 -4.03
N ALA A 98 -3.62 1.68 -3.61
CA ALA A 98 -4.80 2.48 -4.01
C ALA A 98 -4.63 3.00 -5.44
N VAL A 99 -5.65 2.83 -6.31
N VAL A 99 -5.73 3.07 -6.15
CA VAL A 99 -5.64 3.23 -7.77
CA VAL A 99 -5.66 3.37 -7.59
C VAL A 99 -6.95 3.98 -8.14
C VAL A 99 -6.96 4.06 -8.02
N ARG A 100 -6.85 5.22 -8.68
CA ARG A 100 -8.03 5.89 -9.30
C ARG A 100 -8.21 5.37 -10.74
N MET A 101 -9.38 4.79 -11.01
CA MET A 101 -9.63 4.14 -12.31
C MET A 101 -10.12 5.21 -13.35
N GLY A 102 -9.66 5.03 -14.59
CA GLY A 102 -9.98 5.92 -15.73
C GLY A 102 -10.62 5.16 -16.89
N ALA A 103 -10.28 5.53 -18.09
CA ALA A 103 -10.94 5.07 -19.33
C ALA A 103 -10.38 3.70 -19.74
N ILE A 104 -11.17 2.97 -20.49
CA ILE A 104 -10.66 1.83 -21.31
C ILE A 104 -9.62 2.36 -22.31
N ALA A 105 -8.44 1.76 -22.35
CA ALA A 105 -7.26 2.22 -23.09
C ALA A 105 -6.54 1.07 -23.80
N SER A 106 -5.91 1.38 -24.94
CA SER A 106 -4.84 0.58 -25.56
C SER A 106 -3.52 1.35 -25.45
N MET A 107 -2.45 0.65 -25.04
CA MET A 107 -1.15 1.26 -24.71
C MET A 107 -0.02 0.35 -25.21
N ARG A 108 1.15 0.95 -25.37
CA ARG A 108 2.42 0.22 -25.58
C ARG A 108 3.26 0.40 -24.31
N ILE A 109 3.47 -0.71 -23.56
CA ILE A 109 4.12 -0.72 -22.21
C ILE A 109 5.36 -1.60 -22.26
N GLN A 110 6.53 -0.94 -22.11
CA GLN A 110 7.85 -1.58 -22.27
C GLN A 110 7.77 -2.41 -23.57
N GLY A 111 7.19 -1.86 -24.65
CA GLY A 111 7.26 -2.48 -26.00
C GLY A 111 6.11 -3.41 -26.36
N ARG A 112 5.41 -3.94 -25.35
CA ARG A 112 4.25 -4.88 -25.48
C ARG A 112 2.93 -4.10 -25.66
N LEU A 113 2.00 -4.61 -26.46
CA LEU A 113 0.68 -3.97 -26.70
C LEU A 113 -0.29 -4.53 -25.66
N VAL A 114 -0.89 -3.63 -24.89
N VAL A 114 -0.90 -3.65 -24.88
CA VAL A 114 -1.81 -4.00 -23.80
CA VAL A 114 -1.84 -4.08 -23.79
C VAL A 114 -3.14 -3.27 -23.99
C VAL A 114 -3.11 -3.25 -23.83
N HIS A 115 -4.24 -3.93 -23.60
CA HIS A 115 -5.61 -3.37 -23.62
C HIS A 115 -6.35 -3.69 -22.31
N GLY A 116 -6.98 -2.69 -21.71
CA GLY A 116 -7.84 -2.89 -20.52
C GLY A 116 -8.31 -1.56 -19.92
N GLN A 117 -8.74 -1.57 -18.67
CA GLN A 117 -9.10 -0.30 -17.95
C GLN A 117 -7.85 0.31 -17.33
N SER A 118 -7.51 1.53 -17.74
CA SER A 118 -6.35 2.27 -17.22
C SER A 118 -6.67 2.83 -15.82
N GLY A 119 -5.61 3.09 -15.06
CA GLY A 119 -5.73 3.74 -13.74
C GLY A 119 -4.46 4.42 -13.29
N MET A 120 -4.57 5.31 -12.28
CA MET A 120 -3.40 6.03 -11.74
C MET A 120 -3.22 5.67 -10.27
N LEU A 121 -2.04 5.18 -9.92
CA LEU A 121 -1.71 4.87 -8.51
C LEU A 121 -1.81 6.16 -7.68
N LEU A 122 -2.30 5.99 -6.44
CA LEU A 122 -2.44 7.10 -5.43
C LEU A 122 -1.47 6.82 -4.27
N THR A 123 -0.22 6.38 -4.57
CA THR A 123 0.77 5.95 -3.53
C THR A 123 1.94 6.94 -3.35
N GLY A 124 2.17 7.90 -4.23
CA GLY A 124 3.31 8.85 -4.23
C GLY A 124 3.35 9.73 -5.46
N ALA A 125 4.39 10.55 -5.60
CA ALA A 125 4.52 11.48 -6.76
C ALA A 125 4.61 10.65 -8.05
N ASN A 126 5.44 9.61 -7.98
CA ASN A 126 5.51 8.55 -9.01
C ASN A 126 5.90 7.23 -8.31
N ALA A 127 5.60 6.12 -8.94
CA ALA A 127 5.54 4.85 -8.21
C ALA A 127 6.69 3.99 -8.64
N LYS A 128 7.77 4.58 -9.18
CA LYS A 128 8.92 3.76 -9.62
C LYS A 128 9.42 2.96 -8.39
N GLY A 129 9.81 1.70 -8.61
CA GLY A 129 10.36 0.78 -7.59
C GLY A 129 9.29 -0.05 -6.87
N MET A 130 9.72 -0.92 -5.97
CA MET A 130 8.80 -1.92 -5.33
C MET A 130 8.20 -1.40 -4.00
N ASP A 131 8.64 -0.26 -3.45
CA ASP A 131 8.06 0.25 -2.17
C ASP A 131 6.71 0.97 -2.41
N LEU A 132 6.52 1.67 -3.56
CA LEU A 132 5.30 2.44 -3.88
C LEU A 132 4.54 1.93 -5.12
N GLY A 133 5.10 0.98 -5.86
CA GLY A 133 4.60 0.60 -7.19
C GLY A 133 4.58 -0.91 -7.39
N THR A 134 4.17 -1.31 -8.58
CA THR A 134 3.98 -2.73 -8.97
C THR A 134 5.23 -3.23 -9.71
N ILE A 135 5.38 -4.57 -9.77
CA ILE A 135 6.52 -5.28 -10.43
C ILE A 135 5.93 -6.39 -11.31
N PRO A 136 6.68 -6.93 -12.29
CA PRO A 136 6.13 -8.01 -13.13
C PRO A 136 5.52 -9.21 -12.38
N GLY A 137 6.07 -9.56 -11.21
CA GLY A 137 5.57 -10.68 -10.38
C GLY A 137 4.17 -10.43 -9.78
N ASP A 138 3.67 -9.18 -9.80
CA ASP A 138 2.32 -8.82 -9.28
C ASP A 138 1.20 -9.13 -10.27
N CYS A 139 1.53 -9.37 -11.53
CA CYS A 139 0.52 -9.66 -12.57
C CYS A 139 -0.42 -10.79 -12.14
N GLY A 140 -1.71 -10.52 -12.35
CA GLY A 140 -2.87 -11.36 -11.95
C GLY A 140 -3.49 -10.99 -10.61
N ALA A 141 -2.88 -10.04 -9.86
CA ALA A 141 -3.48 -9.54 -8.60
C ALA A 141 -4.83 -8.86 -8.89
N PRO A 142 -5.86 -9.04 -8.03
CA PRO A 142 -7.17 -8.49 -8.33
C PRO A 142 -7.31 -6.99 -8.02
N TYR A 143 -8.16 -6.30 -8.81
CA TYR A 143 -8.66 -4.93 -8.54
C TYR A 143 -10.00 -5.06 -7.82
N VAL A 144 -10.11 -4.53 -6.58
CA VAL A 144 -11.39 -4.64 -5.80
C VAL A 144 -11.83 -3.27 -5.32
N TYR A 145 -13.13 -3.11 -5.04
CA TYR A 145 -13.62 -1.87 -4.39
C TYR A 145 -14.88 -2.21 -3.58
N LYS A 146 -15.15 -1.38 -2.58
CA LYS A 146 -16.33 -1.60 -1.72
C LYS A 146 -17.47 -0.69 -2.17
N ARG A 147 -18.65 -1.25 -2.37
CA ARG A 147 -19.88 -0.47 -2.66
C ARG A 147 -20.52 -0.04 -1.32
N ALA A 148 -21.78 0.32 -1.41
CA ALA A 148 -22.80 0.10 -0.37
C ALA A 148 -22.23 -0.78 0.74
N ASN A 149 -22.68 -2.02 0.79
CA ASN A 149 -22.41 -2.88 1.95
C ASN A 149 -21.52 -4.05 1.54
N ASP A 150 -20.94 -4.02 0.35
CA ASP A 150 -20.19 -5.21 -0.12
C ASP A 150 -19.00 -4.84 -1.00
N TRP A 151 -18.21 -5.88 -1.37
CA TRP A 151 -16.99 -5.74 -2.19
C TRP A 151 -17.21 -6.36 -3.58
N VAL A 152 -16.64 -5.74 -4.62
CA VAL A 152 -16.69 -6.16 -6.06
C VAL A 152 -15.25 -6.40 -6.51
N VAL A 153 -15.05 -7.37 -7.41
CA VAL A 153 -13.80 -7.56 -8.18
C VAL A 153 -14.08 -7.14 -9.62
N CYS A 154 -13.20 -6.36 -10.23
CA CYS A 154 -13.52 -5.81 -11.56
C CYS A 154 -12.38 -6.05 -12.54
N GLY A 155 -11.36 -6.83 -12.15
CA GLY A 155 -10.29 -7.21 -13.09
C GLY A 155 -9.00 -7.67 -12.44
N VAL A 156 -7.97 -7.84 -13.27
CA VAL A 156 -6.66 -8.41 -12.83
C VAL A 156 -5.51 -7.59 -13.41
N HIS A 157 -4.43 -7.47 -12.63
CA HIS A 157 -3.27 -6.60 -12.98
C HIS A 157 -2.54 -7.14 -14.21
N ALA A 158 -2.47 -6.35 -15.28
CA ALA A 158 -1.89 -6.83 -16.57
C ALA A 158 -0.54 -6.18 -16.87
N ALA A 159 -0.38 -4.88 -16.52
CA ALA A 159 0.85 -4.14 -16.88
C ALA A 159 0.91 -2.83 -16.13
N ALA A 160 2.08 -2.20 -16.12
CA ALA A 160 2.26 -0.86 -15.58
C ALA A 160 3.49 -0.20 -16.20
N THR A 161 3.47 1.15 -16.28
CA THR A 161 4.64 1.88 -16.86
C THR A 161 5.82 1.86 -15.86
N LYS A 162 7.06 1.70 -16.34
CA LYS A 162 8.22 1.52 -15.42
C LYS A 162 8.43 2.83 -14.65
N SER A 163 8.37 3.98 -15.30
CA SER A 163 8.82 5.20 -14.55
C SER A 163 7.65 5.96 -13.95
N GLY A 164 6.47 5.39 -13.86
CA GLY A 164 5.25 6.24 -13.82
C GLY A 164 4.27 5.87 -12.70
N ASN A 165 3.01 6.22 -12.92
CA ASN A 165 1.89 5.86 -12.03
C ASN A 165 0.81 5.09 -12.76
N THR A 166 0.95 4.77 -14.03
CA THR A 166 -0.19 4.22 -14.79
C THR A 166 -0.14 2.68 -14.74
N VAL A 167 -1.30 2.09 -14.42
CA VAL A 167 -1.54 0.63 -14.45
C VAL A 167 -2.66 0.31 -15.45
N VAL A 168 -2.70 -0.94 -15.90
CA VAL A 168 -3.80 -1.50 -16.70
C VAL A 168 -4.38 -2.73 -15.97
N CYS A 169 -5.70 -2.71 -15.74
CA CYS A 169 -6.56 -3.80 -15.27
C CYS A 169 -7.16 -4.55 -16.46
N ALA A 170 -6.80 -5.81 -16.74
CA ALA A 170 -7.51 -6.57 -17.80
C ALA A 170 -8.92 -6.92 -17.29
N VAL A 171 -9.93 -6.87 -18.17
CA VAL A 171 -11.37 -6.96 -17.80
C VAL A 171 -12.06 -8.03 -18.64
N GLN A 172 -13.18 -8.55 -18.12
CA GLN A 172 -13.98 -9.64 -18.71
C GLN A 172 -14.63 -9.07 -19.97
N THR B 1 14.71 -2.45 1.54
CA THR B 1 13.39 -1.78 1.42
C THR B 1 13.22 -0.72 2.53
N LEU B 2 12.56 0.39 2.20
CA LEU B 2 12.14 1.42 3.20
C LEU B 2 11.27 0.78 4.25
N TRP B 3 10.49 -0.21 3.85
CA TRP B 3 9.44 -0.75 4.76
C TRP B 3 10.07 -1.46 5.95
N SER B 4 11.30 -2.02 5.85
CA SER B 4 11.88 -2.71 7.05
C SER B 4 12.30 -1.68 8.12
N ARG B 5 12.33 -0.39 7.77
CA ARG B 5 12.68 0.68 8.76
C ARG B 5 11.47 1.06 9.63
N VAL B 6 10.23 0.77 9.16
CA VAL B 6 8.99 1.09 9.93
C VAL B 6 8.73 0.00 10.96
N THR B 7 8.69 0.40 12.24
CA THR B 7 8.78 -0.50 13.44
C THR B 7 7.63 -0.20 14.41
N LYS B 8 6.97 -1.23 14.98
CA LYS B 8 5.90 -1.00 15.98
C LYS B 8 6.50 -0.41 17.27
N PHE B 9 5.93 0.63 17.82
CA PHE B 9 6.54 1.34 18.96
C PHE B 9 5.47 2.02 19.80
N GLY B 10 5.42 1.67 21.08
CA GLY B 10 4.44 2.29 21.96
C GLY B 10 3.01 2.12 21.44
N SER B 11 2.22 3.18 21.40
CA SER B 11 0.83 3.10 20.90
C SER B 11 0.75 3.36 19.38
N GLY B 12 1.88 3.45 18.70
CA GLY B 12 1.93 3.60 17.23
C GLY B 12 3.19 2.97 16.64
N TRP B 13 3.98 3.80 15.94
CA TRP B 13 5.12 3.32 15.09
C TRP B 13 6.26 4.34 15.18
N GLY B 14 7.41 3.93 14.65
CA GLY B 14 8.56 4.79 14.39
C GLY B 14 9.34 4.38 13.18
N PHE B 15 10.47 5.08 12.93
CA PHE B 15 11.24 4.88 11.70
C PHE B 15 12.75 5.00 11.96
N TRP B 16 13.50 3.99 11.49
CA TRP B 16 14.98 3.94 11.55
C TRP B 16 15.53 4.78 10.38
N VAL B 17 16.08 5.94 10.71
CA VAL B 17 16.80 6.82 9.77
C VAL B 17 18.18 6.22 9.45
N SER B 18 18.81 5.62 10.45
CA SER B 18 20.19 5.03 10.40
C SER B 18 20.29 3.90 11.44
N PRO B 19 21.45 3.21 11.54
CA PRO B 19 21.62 2.17 12.56
C PRO B 19 21.41 2.61 14.02
N THR B 20 21.64 3.90 14.29
CA THR B 20 21.61 4.49 15.64
C THR B 20 20.49 5.54 15.78
N VAL B 21 19.79 5.94 14.72
CA VAL B 21 18.81 7.07 14.84
C VAL B 21 17.38 6.58 14.55
N PHE B 22 16.47 6.72 15.52
CA PHE B 22 15.01 6.37 15.42
C PHE B 22 14.12 7.60 15.64
N ILE B 23 13.15 7.83 14.76
CA ILE B 23 12.23 9.03 14.90
C ILE B 23 10.81 8.50 15.11
N THR B 24 10.03 9.22 15.88
CA THR B 24 8.63 8.86 16.21
C THR B 24 7.83 10.11 16.63
N THR B 25 6.52 9.93 16.81
CA THR B 25 5.58 10.95 17.28
C THR B 25 5.56 10.95 18.82
N THR B 26 5.73 12.11 19.44
CA THR B 26 5.97 12.21 20.91
C THR B 26 4.83 11.47 21.66
N HIS B 27 3.56 11.68 21.33
CA HIS B 27 2.43 11.11 22.12
C HIS B 27 2.39 9.57 22.11
N VAL B 28 3.03 8.86 21.16
CA VAL B 28 2.98 7.36 21.14
C VAL B 28 4.02 6.74 22.07
N ILE B 29 4.98 7.53 22.58
CA ILE B 29 6.14 6.97 23.33
C ILE B 29 5.68 6.48 24.70
N PRO B 30 6.04 5.26 25.15
CA PRO B 30 5.75 4.89 26.54
C PRO B 30 6.17 5.96 27.57
N THR B 31 5.34 6.17 28.61
CA THR B 31 5.64 7.12 29.71
C THR B 31 6.29 6.42 30.90
N SER B 32 6.34 5.08 30.90
CA SER B 32 7.09 4.26 31.88
CA SER B 32 7.12 4.30 31.89
C SER B 32 8.05 3.32 31.14
N ALA B 33 9.39 3.55 31.21
CA ALA B 33 10.41 2.67 30.59
C ALA B 33 11.79 2.83 31.19
N LYS B 34 12.54 1.72 31.26
CA LYS B 34 13.97 1.75 31.64
C LYS B 34 14.86 1.36 30.45
N GLU B 35 14.29 0.83 29.37
CA GLU B 35 15.08 0.49 28.15
C GLU B 35 14.21 0.57 26.90
N PHE B 36 14.82 0.84 25.74
CA PHE B 36 14.14 0.61 24.44
C PHE B 36 15.01 -0.25 23.53
N PHE B 37 14.41 -1.23 22.84
CA PHE B 37 15.16 -2.14 21.93
C PHE B 37 16.42 -2.66 22.62
N GLY B 38 16.31 -2.97 23.92
CA GLY B 38 17.38 -3.67 24.67
C GLY B 38 18.48 -2.75 25.17
N GLU B 39 18.38 -1.43 24.95
CA GLU B 39 19.45 -0.52 25.41
C GLU B 39 18.90 0.26 26.59
N PRO B 40 19.69 0.44 27.68
CA PRO B 40 19.19 1.19 28.83
C PRO B 40 18.93 2.65 28.45
N LEU B 41 17.81 3.21 28.90
CA LEU B 41 17.44 4.63 28.66
C LEU B 41 18.56 5.56 29.11
N THR B 42 19.32 5.13 30.12
CA THR B 42 20.62 5.68 30.55
C THR B 42 21.49 6.08 29.35
N SER B 43 21.54 5.30 28.25
CA SER B 43 22.56 5.44 27.18
C SER B 43 21.94 6.07 25.92
N ILE B 44 20.70 6.59 26.00
CA ILE B 44 19.97 7.11 24.82
C ILE B 44 19.80 8.64 24.92
N ALA B 45 20.22 9.39 23.90
CA ALA B 45 19.89 10.83 23.76
C ALA B 45 18.49 10.99 23.16
N ILE B 46 17.67 11.83 23.80
CA ILE B 46 16.27 12.13 23.38
C ILE B 46 16.18 13.64 23.09
N HIS B 47 15.85 13.98 21.84
CA HIS B 47 15.63 15.35 21.30
C HIS B 47 14.13 15.46 20.93
N ARG B 48 13.42 16.26 21.68
CA ARG B 48 11.96 16.44 21.53
C ARG B 48 11.70 17.87 21.03
N ALA B 49 10.83 18.00 20.01
CA ALA B 49 10.28 19.30 19.53
C ALA B 49 8.78 19.12 19.25
N GLY B 50 7.97 19.53 20.19
CA GLY B 50 6.51 19.27 20.19
C GLY B 50 6.20 17.81 19.89
N GLU B 51 5.55 17.52 18.75
CA GLU B 51 5.10 16.14 18.41
C GLU B 51 6.20 15.37 17.65
N PHE B 52 7.39 15.93 17.43
CA PHE B 52 8.53 15.20 16.81
C PHE B 52 9.52 14.81 17.93
N THR B 53 9.90 13.52 18.00
CA THR B 53 10.99 13.03 18.88
C THR B 53 12.01 12.21 18.10
N LEU B 54 13.31 12.53 18.29
CA LEU B 54 14.43 11.75 17.73
C LEU B 54 15.17 11.05 18.88
N PHE B 55 15.42 9.75 18.72
CA PHE B 55 16.33 8.98 19.63
C PHE B 55 17.69 8.75 18.97
N ARG B 56 18.79 8.98 19.68
CA ARG B 56 20.16 8.61 19.23
C ARG B 56 20.73 7.58 20.21
N PHE B 57 20.88 6.33 19.76
CA PHE B 57 21.42 5.17 20.55
C PHE B 57 22.97 5.24 20.59
N SER B 58 23.58 4.67 21.63
CA SER B 58 25.06 4.69 21.72
C SER B 58 25.67 3.41 21.10
N LYS B 59 24.86 2.51 20.53
CA LYS B 59 25.40 1.46 19.64
C LYS B 59 24.45 1.13 18.49
N LYS B 60 25.00 0.40 17.50
CA LYS B 60 24.25 0.11 16.24
C LYS B 60 23.13 -0.87 16.61
N ILE B 61 21.87 -0.43 16.59
CA ILE B 61 20.68 -1.29 16.82
C ILE B 61 20.27 -1.95 15.50
N ARG B 62 20.43 -1.24 14.37
CA ARG B 62 20.04 -1.72 13.01
C ARG B 62 21.22 -1.62 12.05
N PRO B 63 22.29 -2.41 12.29
CA PRO B 63 23.50 -2.34 11.48
C PRO B 63 23.30 -2.82 10.03
N ASP B 64 22.13 -3.39 9.69
CA ASP B 64 21.75 -3.80 8.31
C ASP B 64 21.39 -2.56 7.47
N LEU B 65 21.18 -1.39 8.09
CA LEU B 65 20.66 -0.16 7.40
C LEU B 65 21.80 0.81 7.04
N THR B 66 21.63 1.54 5.96
CA THR B 66 22.43 2.76 5.64
C THR B 66 21.70 3.99 6.24
N GLY B 67 22.43 5.08 6.48
CA GLY B 67 21.84 6.36 6.90
C GLY B 67 21.14 7.06 5.75
N MET B 68 20.00 7.69 6.05
CA MET B 68 19.10 8.39 5.09
C MET B 68 19.14 9.89 5.34
N ILE B 69 18.70 10.69 4.36
CA ILE B 69 18.49 12.16 4.53
C ILE B 69 17.21 12.43 5.34
N LEU B 70 17.36 13.17 6.45
CA LEU B 70 16.25 13.71 7.25
C LEU B 70 16.27 15.25 7.13
N GLU B 71 15.16 15.81 6.72
CA GLU B 71 14.98 17.28 6.58
C GLU B 71 13.72 17.76 7.31
N GLU B 72 13.68 19.06 7.58
CA GLU B 72 12.60 19.73 8.37
C GLU B 72 11.44 20.03 7.40
N GLY B 73 10.61 19.02 7.12
CA GLY B 73 9.49 19.11 6.17
C GLY B 73 10.00 19.17 4.74
N CYS B 74 9.16 19.66 3.83
CA CYS B 74 9.41 19.67 2.38
C CYS B 74 8.75 20.89 1.74
N PRO B 75 9.09 21.22 0.47
CA PRO B 75 8.47 22.35 -0.23
C PRO B 75 6.96 22.15 -0.38
N GLU B 76 6.18 23.24 -0.34
CA GLU B 76 4.73 23.12 -0.62
C GLU B 76 4.50 22.58 -2.04
N GLY B 77 3.53 21.68 -2.18
CA GLY B 77 3.15 21.05 -3.47
C GLY B 77 3.85 19.71 -3.67
N THR B 78 4.92 19.38 -2.92
CA THR B 78 5.53 18.02 -2.94
C THR B 78 4.45 16.99 -2.64
N VAL B 79 4.41 15.90 -3.41
CA VAL B 79 3.55 14.74 -3.11
C VAL B 79 4.39 13.68 -2.38
N CYS B 80 4.27 13.68 -1.05
CA CYS B 80 4.93 12.71 -0.11
C CYS B 80 4.13 11.41 -0.13
N SER B 81 4.76 10.36 0.35
CA SER B 81 4.11 9.09 0.73
C SER B 81 4.19 8.93 2.26
N VAL B 82 3.06 8.67 2.89
CA VAL B 82 2.99 8.20 4.29
C VAL B 82 3.04 6.67 4.28
N LEU B 83 4.06 6.07 4.93
CA LEU B 83 4.30 4.61 4.88
C LEU B 83 3.62 3.96 6.10
N ILE B 84 2.32 3.70 6.00
CA ILE B 84 1.48 3.13 7.10
C ILE B 84 1.67 1.60 7.20
N LYS B 85 2.07 1.08 8.36
CA LYS B 85 1.91 -0.36 8.70
C LYS B 85 0.71 -0.56 9.63
N ARG B 86 -0.03 -1.63 9.40
CA ARG B 86 -1.24 -2.04 10.15
C ARG B 86 -0.96 -3.36 10.88
N ASP B 87 -1.56 -3.52 12.06
CA ASP B 87 -1.49 -4.77 12.86
C ASP B 87 -2.03 -5.97 12.06
N SER B 88 -2.88 -5.74 11.06
CA SER B 88 -3.43 -6.76 10.10
C SER B 88 -2.33 -7.40 9.25
N GLY B 89 -1.18 -6.74 9.10
CA GLY B 89 -0.02 -7.10 8.26
C GLY B 89 -0.07 -6.37 6.89
N GLU B 90 -0.97 -5.38 6.70
CA GLU B 90 -1.03 -4.53 5.48
C GLU B 90 0.03 -3.42 5.56
N LEU B 91 0.65 -3.19 4.43
CA LEU B 91 1.49 -2.00 4.16
C LEU B 91 0.69 -1.06 3.24
N LEU B 92 0.47 0.20 3.64
CA LEU B 92 -0.43 1.14 2.93
C LEU B 92 0.29 2.44 2.66
N PRO B 93 1.01 2.53 1.53
CA PRO B 93 1.64 3.79 1.14
C PRO B 93 0.53 4.67 0.53
N LEU B 94 0.34 5.84 1.09
CA LEU B 94 -0.64 6.82 0.55
C LEU B 94 0.03 8.16 0.19
N ALA B 95 -0.35 8.69 -1.00
CA ALA B 95 0.10 9.98 -1.55
C ALA B 95 -0.52 11.11 -0.71
N VAL B 96 0.31 12.08 -0.33
CA VAL B 96 -0.16 13.24 0.47
C VAL B 96 0.41 14.51 -0.18
N ARG B 97 -0.47 15.45 -0.54
CA ARG B 97 -0.01 16.74 -1.16
C ARG B 97 0.22 17.69 0.04
N MET B 98 1.45 18.19 0.19
CA MET B 98 1.91 18.95 1.39
C MET B 98 1.70 20.47 1.18
N GLY B 99 1.26 21.13 2.24
CA GLY B 99 1.11 22.59 2.33
C GLY B 99 1.96 23.19 3.44
N ALA B 100 1.55 24.33 3.95
CA ALA B 100 2.37 25.13 4.89
C ALA B 100 2.47 24.43 6.26
N ILE B 101 3.49 24.82 6.99
CA ILE B 101 3.59 24.59 8.46
C ILE B 101 2.57 25.53 9.18
N ALA B 102 1.86 25.01 10.18
CA ALA B 102 0.78 25.72 10.88
C ALA B 102 0.52 25.10 12.24
N SER B 103 -0.16 25.83 13.12
N SER B 103 -0.09 25.87 13.13
CA SER B 103 -0.83 25.27 14.33
CA SER B 103 -0.86 25.36 14.30
C SER B 103 -2.31 25.07 14.01
C SER B 103 -2.28 25.07 13.81
N MET B 104 -2.75 23.81 13.87
CA MET B 104 -4.08 23.45 13.34
C MET B 104 -4.96 22.85 14.44
N ARG B 105 -6.25 23.14 14.41
CA ARG B 105 -7.23 22.52 15.35
C ARG B 105 -7.69 21.19 14.72
N ILE B 106 -7.39 20.08 15.36
CA ILE B 106 -7.66 18.71 14.83
C ILE B 106 -8.39 17.91 15.92
N GLN B 107 -9.64 17.52 15.67
CA GLN B 107 -10.48 16.83 16.67
C GLN B 107 -10.21 17.45 18.06
N GLY B 108 -10.41 18.77 18.19
CA GLY B 108 -10.46 19.48 19.49
C GLY B 108 -9.09 19.78 20.09
N ARG B 109 -7.97 19.48 19.41
CA ARG B 109 -6.62 19.74 19.98
C ARG B 109 -5.80 20.55 18.99
N LEU B 110 -4.86 21.35 19.49
CA LEU B 110 -3.91 22.13 18.66
C LEU B 110 -2.69 21.28 18.38
N VAL B 111 -2.38 21.12 17.10
CA VAL B 111 -1.23 20.33 16.63
C VAL B 111 -0.38 21.19 15.69
N HIS B 112 0.92 21.33 15.98
CA HIS B 112 1.85 22.08 15.10
C HIS B 112 2.64 21.13 14.20
N GLY B 113 2.63 21.36 12.90
CA GLY B 113 3.43 20.58 11.94
C GLY B 113 3.13 20.98 10.51
N GLN B 114 3.52 20.16 9.54
CA GLN B 114 3.28 20.45 8.11
C GLN B 114 1.90 19.90 7.74
N SER B 115 1.06 20.73 7.16
CA SER B 115 -0.29 20.32 6.72
C SER B 115 -0.14 19.46 5.45
N GLY B 116 -1.07 18.55 5.24
CA GLY B 116 -1.18 17.70 4.04
C GLY B 116 -2.63 17.31 3.74
N MET B 117 -2.91 16.97 2.48
CA MET B 117 -4.23 16.40 2.09
C MET B 117 -3.97 15.12 1.26
N LEU B 118 -4.68 14.05 1.56
CA LEU B 118 -4.52 12.77 0.81
C LEU B 118 -5.08 12.89 -0.62
N LEU B 119 -4.47 12.22 -1.59
CA LEU B 119 -4.96 12.23 -2.99
C LEU B 119 -6.22 11.34 -3.11
N THR B 120 -6.47 10.42 -2.17
CA THR B 120 -7.74 9.61 -2.12
C THR B 120 -8.96 10.52 -1.90
N GLY B 121 -8.76 11.62 -1.18
CA GLY B 121 -9.70 12.75 -1.05
C GLY B 121 -11.07 12.33 -0.59
N ALA B 122 -12.10 12.83 -1.29
CA ALA B 122 -13.53 12.84 -0.88
C ALA B 122 -13.62 12.08 0.45
N ASN B 123 -13.41 10.77 0.41
CA ASN B 123 -13.50 9.99 1.66
C ASN B 123 -12.65 8.72 1.60
N ALA B 124 -12.99 7.81 2.52
CA ALA B 124 -12.42 6.46 2.69
C ALA B 124 -13.57 5.45 2.93
N LYS B 125 -14.47 5.70 3.91
CA LYS B 125 -15.46 4.68 4.39
C LYS B 125 -14.85 3.31 4.15
N GLY B 126 -13.55 3.25 4.40
CA GLY B 126 -12.56 2.35 3.77
C GLY B 126 -11.23 2.63 4.42
N MET B 127 -10.89 1.83 5.40
CA MET B 127 -9.66 1.96 6.20
C MET B 127 -8.47 1.90 5.26
N ASP B 128 -8.61 1.36 4.03
CA ASP B 128 -7.43 1.28 3.11
C ASP B 128 -7.25 2.55 2.25
N LEU B 129 -8.00 3.62 2.50
CA LEU B 129 -7.89 4.88 1.70
C LEU B 129 -7.61 6.08 2.61
N GLY B 130 -7.45 5.85 3.90
CA GLY B 130 -7.24 6.94 4.90
C GLY B 130 -6.48 6.47 6.11
N THR B 131 -6.08 7.42 6.96
CA THR B 131 -5.39 7.09 8.23
C THR B 131 -6.37 6.79 9.35
N ILE B 132 -5.90 6.07 10.37
CA ILE B 132 -6.65 5.77 11.62
C ILE B 132 -5.75 6.16 12.79
N PRO B 133 -6.27 6.38 14.03
CA PRO B 133 -5.42 6.88 15.12
C PRO B 133 -4.17 6.02 15.41
N GLY B 134 -4.24 4.70 15.15
CA GLY B 134 -3.15 3.77 15.49
C GLY B 134 -1.93 3.96 14.61
N ASP B 135 -2.11 4.72 13.52
CA ASP B 135 -1.06 4.95 12.50
C ASP B 135 -0.02 5.98 12.94
N CYS B 136 -0.19 6.67 14.08
CA CYS B 136 0.72 7.78 14.45
C CYS B 136 2.16 7.27 14.60
N GLY B 137 3.11 8.06 14.07
CA GLY B 137 4.56 7.76 14.02
C GLY B 137 5.00 7.25 12.65
N ALA B 138 4.07 6.88 11.77
CA ALA B 138 4.42 6.49 10.37
C ALA B 138 5.19 7.62 9.67
N PRO B 139 6.24 7.31 8.89
CA PRO B 139 7.02 8.39 8.27
C PRO B 139 6.44 8.98 6.97
N TYR B 140 6.74 10.26 6.71
CA TYR B 140 6.50 10.94 5.40
C TYR B 140 7.82 10.94 4.62
N VAL B 141 7.79 10.39 3.40
CA VAL B 141 9.00 10.24 2.52
C VAL B 141 8.66 10.76 1.11
N TYR B 142 9.70 11.14 0.37
CA TYR B 142 9.59 11.39 -1.09
C TYR B 142 10.95 11.17 -1.75
N LYS B 143 10.90 10.91 -3.05
CA LYS B 143 12.12 10.67 -3.84
C LYS B 143 12.56 12.02 -4.43
N ARG B 144 13.85 12.29 -4.36
CA ARG B 144 14.46 13.53 -4.88
C ARG B 144 15.83 13.16 -5.45
N ALA B 145 16.05 13.43 -6.72
CA ALA B 145 17.24 12.92 -7.44
C ALA B 145 17.27 11.39 -7.22
N ASN B 146 18.36 10.83 -6.73
CA ASN B 146 18.48 9.36 -6.55
C ASN B 146 17.97 8.95 -5.16
N ASP B 147 17.64 9.91 -4.29
CA ASP B 147 17.63 9.65 -2.83
C ASP B 147 16.20 9.74 -2.31
N TRP B 148 15.91 8.91 -1.32
CA TRP B 148 14.68 9.06 -0.52
C TRP B 148 15.00 10.08 0.57
N VAL B 149 14.09 10.98 0.81
CA VAL B 149 14.18 11.97 1.91
C VAL B 149 13.07 11.63 2.90
N VAL B 150 13.38 11.59 4.20
CA VAL B 150 12.30 11.50 5.20
C VAL B 150 12.11 12.93 5.75
N CYS B 151 10.90 13.40 5.79
CA CYS B 151 10.69 14.79 6.27
C CYS B 151 9.73 14.97 7.46
N GLY B 152 9.23 13.89 8.08
CA GLY B 152 8.57 13.92 9.38
C GLY B 152 7.77 12.68 9.68
N VAL B 153 6.89 12.77 10.69
CA VAL B 153 6.15 11.59 11.25
C VAL B 153 4.68 11.97 11.38
N HIS B 154 3.78 11.00 11.19
CA HIS B 154 2.32 11.21 11.27
C HIS B 154 1.88 11.56 12.71
N ALA B 155 1.34 12.78 12.93
CA ALA B 155 0.95 13.25 14.28
C ALA B 155 -0.58 13.28 14.48
N ALA B 156 -1.37 13.58 13.44
CA ALA B 156 -2.83 13.74 13.65
C ALA B 156 -3.58 13.75 12.33
N ALA B 157 -4.91 13.53 12.37
CA ALA B 157 -5.75 13.60 11.16
C ALA B 157 -7.15 14.02 11.57
N THR B 158 -7.87 14.73 10.71
CA THR B 158 -9.31 15.06 10.89
C THR B 158 -10.19 13.80 10.84
N LYS B 159 -11.48 13.87 11.20
CA LYS B 159 -12.36 12.67 11.28
C LYS B 159 -12.42 11.90 9.95
N SER B 160 -12.38 12.56 8.79
CA SER B 160 -12.33 11.90 7.44
C SER B 160 -11.08 11.01 7.29
N GLY B 161 -9.98 11.40 7.95
CA GLY B 161 -8.67 10.73 7.85
C GLY B 161 -7.85 11.22 6.65
N ASN B 162 -8.27 12.38 6.06
CA ASN B 162 -7.90 12.94 4.72
C ASN B 162 -7.22 14.34 4.80
N THR B 163 -7.43 15.19 5.83
CA THR B 163 -6.50 16.29 6.18
C THR B 163 -5.58 15.77 7.31
N VAL B 164 -4.26 15.84 7.11
CA VAL B 164 -3.26 15.28 8.04
C VAL B 164 -2.23 16.33 8.48
N VAL B 165 -1.55 16.03 9.61
CA VAL B 165 -0.41 16.81 10.12
C VAL B 165 0.84 15.91 10.24
N CYS B 166 1.94 16.36 9.62
CA CYS B 166 3.29 15.72 9.63
C CYS B 166 4.12 16.51 10.65
N ALA B 167 4.47 15.92 11.82
CA ALA B 167 5.34 16.64 12.78
C ALA B 167 6.76 16.67 12.22
N VAL B 168 7.44 17.81 12.35
CA VAL B 168 8.79 18.00 11.70
C VAL B 168 9.86 18.33 12.74
N GLN B 169 11.11 18.08 12.39
CA GLN B 169 12.31 18.37 13.22
C GLN B 169 12.42 19.91 13.42
N ALA B 170 12.85 20.37 14.61
CA ALA B 170 13.31 21.76 14.89
C ALA B 170 12.33 22.82 14.34
N1 MH5 C . 5.71 -2.66 -13.38
C4 MH5 C . 8.92 -2.68 -12.67
C5 MH5 C . 8.10 -2.46 -13.75
C6 MH5 C . 6.76 -1.76 -13.78
C7 MH5 C . 5.13 -3.67 -14.15
C8 MH5 C . 4.15 -4.46 -13.55
C10 MH5 C . 3.94 -5.72 -15.61
C13 MH5 C . 5.28 -5.20 -17.66
C1 MH5 C . 11.22 -4.55 -15.00
C2 MH5 C . 10.21 -3.67 -14.33
C3 MH5 C . 10.17 -3.23 -13.04
S1 MH5 C . 8.81 -3.09 -15.19
C9 MH5 C . 3.59 -5.49 -14.27
C11 MH5 C . 4.90 -4.91 -16.22
C12 MH5 C . 5.51 -3.89 -15.49
O1 MH5 C . 6.07 -4.42 -18.26
O2 MH5 C . 4.79 -6.25 -18.15
S DMS D . 8.19 -4.80 -0.29
O DMS D . 9.34 -3.93 -0.70
C1 DMS D . 6.75 -3.77 -0.38
C2 DMS D . 8.01 -5.80 -1.66
S DMS E . 4.26 1.06 -12.12
O DMS E . 5.48 1.76 -11.49
C1 DMS E . 3.41 0.40 -10.82
C2 DMS E . 3.15 2.47 -12.59
S DMS F . -19.28 -0.64 -15.56
O DMS F . -19.15 -1.68 -14.48
C1 DMS F . -19.43 0.93 -14.77
C2 DMS F . -17.68 -0.41 -16.27
S DMS G . 13.52 -3.01 15.55
O DMS G . 14.90 -3.53 16.01
C1 DMS G . 13.55 -2.89 13.81
C2 DMS G . 12.44 -4.40 15.70
P PO4 H . 8.00 24.52 4.52
O1 PO4 H . 7.66 25.54 5.58
O2 PO4 H . 9.17 25.01 3.71
O3 PO4 H . 6.73 24.36 3.61
O4 PO4 H . 8.38 23.15 5.18
#